data_1W98
#
_entry.id   1W98
#
_cell.length_a   99.620
_cell.length_b   99.620
_cell.length_c   149.987
_cell.angle_alpha   90.00
_cell.angle_beta   90.00
_cell.angle_gamma   90.00
#
_symmetry.space_group_name_H-M   'P 41 21 2'
#
loop_
_entity.id
_entity.type
_entity.pdbx_description
1 polymer 'CELL DIVISION PROTEIN KINASE 2'
2 polymer 'G1/S-SPECIFIC CYCLIN E1'
3 water water
#
loop_
_entity_poly.entity_id
_entity_poly.type
_entity_poly.pdbx_seq_one_letter_code
_entity_poly.pdbx_strand_id
1 'polypeptide(L)'
;SMENFQKVEKIGEGTYGVVYKARNKLTGEVVALKKIRLDTETEGVPSTAIREISLLKELNHPNIVKLLDVIHTENKLYLV
FEFLHQDLKKFMDASALTGIPLPLIKSYLFQLLQGLAFCHSHRVLHRDLKPQNLLINTEGAIKLADFGLARAFGVPVRTY
(TPO)HEVVTLWYRAPEILLGCKYYSTAVDIWSLGCIFAEMVTRRALFPGDSEIDQLFRIFRTLGTPDEVVWPGVTSMPD
YKPSFPKWARQDFSKVVPPLDEDGRSLLSQMLHYDPNKRISAKAALAHPFFQDVTKPVPHLR
;
A
2 'polypeptide(L)'
;IIAPSRGSPLPVLSWANREEVWKIMLNKEKTYLRDQHFLEQHPLLQPKMRAILLDWLMEVCEVYKLHRETFYLAQDFFDR
YMATQENVVKTLLQLIGISSLFIAAKLEEIYPPKLHQFAYVTDGACSGDEILTMELMIMKALKWRLSPLTIVSWLNVYMQ
VAYLNDLHEVLLPQYPQQIFIQIAELLDLCVLDVDCLEFPYGILAASALYHFSSSELMQKVSGYQWCDIENCVKWMVPFA
MVIRETGSSKLKHFRGVADEDAHNIQTHRDSLDLLDKARAKKA
;
B
#
# COMPACT_ATOMS: atom_id res chain seq x y z
N SER A 1 21.43 -13.04 -14.24
CA SER A 1 21.02 -14.39 -13.68
C SER A 1 21.97 -14.97 -12.59
N MET A 2 21.95 -16.29 -12.39
CA MET A 2 22.41 -16.93 -11.12
C MET A 2 23.83 -17.50 -11.02
N GLU A 3 24.45 -17.75 -12.17
CA GLU A 3 25.78 -18.37 -12.26
C GLU A 3 26.82 -17.71 -11.35
N ASN A 4 26.91 -16.39 -11.48
CA ASN A 4 27.92 -15.52 -10.84
C ASN A 4 27.79 -15.23 -9.32
N PHE A 5 26.67 -15.64 -8.74
CA PHE A 5 26.50 -15.60 -7.29
C PHE A 5 26.85 -16.96 -6.78
N GLN A 6 27.44 -17.05 -5.61
CA GLN A 6 27.36 -18.29 -4.91
C GLN A 6 26.94 -18.17 -3.46
N LYS A 7 26.03 -19.07 -3.09
CA LYS A 7 25.47 -19.13 -1.77
C LYS A 7 26.55 -19.45 -0.78
N VAL A 8 26.67 -18.63 0.25
CA VAL A 8 27.67 -18.83 1.27
C VAL A 8 27.03 -19.42 2.51
N GLU A 9 25.74 -19.17 2.74
CA GLU A 9 25.17 -19.50 4.02
C GLU A 9 23.66 -19.29 3.93
N LYS A 10 22.90 -20.25 4.45
CA LYS A 10 21.47 -20.04 4.69
C LYS A 10 21.28 -19.18 5.93
N ILE A 11 20.55 -18.08 5.78
CA ILE A 11 20.35 -17.13 6.90
C ILE A 11 18.89 -16.89 7.26
N GLY A 12 17.97 -17.64 6.67
CA GLY A 12 16.57 -17.43 7.01
C GLY A 12 15.61 -18.34 6.25
N GLU A 13 14.41 -18.48 6.78
CA GLU A 13 13.35 -19.23 6.10
C GLU A 13 12.00 -18.68 6.51
N GLY A 14 11.06 -18.55 5.55
CA GLY A 14 9.66 -18.26 5.85
C GLY A 14 8.72 -19.14 5.04
N THR A 15 7.43 -18.83 5.02
CA THR A 15 6.44 -19.65 4.30
C THR A 15 6.73 -19.82 2.82
N TYR A 16 7.26 -18.75 2.21
CA TYR A 16 7.42 -18.66 0.75
C TYR A 16 8.85 -18.81 0.25
N GLY A 17 9.79 -19.08 1.14
CA GLY A 17 11.05 -19.54 0.69
C GLY A 17 12.14 -19.42 1.72
N VAL A 18 13.36 -19.38 1.24
CA VAL A 18 14.59 -19.48 2.02
C VAL A 18 15.47 -18.25 1.69
N VAL A 19 16.18 -17.70 2.68
CA VAL A 19 17.07 -16.55 2.50
C VAL A 19 18.52 -17.02 2.57
N TYR A 20 19.35 -16.55 1.64
CA TYR A 20 20.77 -16.90 1.67
C TYR A 20 21.61 -15.67 1.69
N LYS A 21 22.76 -15.78 2.38
CA LYS A 21 23.90 -14.89 2.12
C LYS A 21 24.65 -15.45 0.90
N ALA A 22 24.93 -14.60 -0.08
CA ALA A 22 25.56 -15.00 -1.35
C ALA A 22 26.70 -14.03 -1.70
N ARG A 23 27.69 -14.52 -2.47
CA ARG A 23 28.89 -13.75 -2.74
C ARG A 23 29.15 -13.83 -4.22
N ASN A 24 29.46 -12.67 -4.80
CA ASN A 24 29.87 -12.56 -6.20
C ASN A 24 31.34 -12.99 -6.35
N LYS A 25 31.56 -13.99 -7.21
CA LYS A 25 32.86 -14.69 -7.37
C LYS A 25 34.16 -13.84 -7.52
N LEU A 26 34.24 -12.94 -8.50
CA LEU A 26 35.34 -11.93 -8.51
C LEU A 26 34.95 -10.45 -8.62
N THR A 27 33.93 -10.11 -7.84
CA THR A 27 33.46 -8.76 -7.61
C THR A 27 33.63 -8.53 -6.10
N GLY A 28 33.42 -9.59 -5.34
CA GLY A 28 33.62 -9.56 -3.90
C GLY A 28 32.38 -9.11 -3.20
N GLU A 29 31.42 -8.62 -3.99
CA GLU A 29 30.14 -8.15 -3.47
C GLU A 29 29.31 -9.28 -2.79
N VAL A 30 28.83 -8.97 -1.60
CA VAL A 30 27.92 -9.86 -0.85
C VAL A 30 26.46 -9.36 -0.94
N VAL A 31 25.54 -10.30 -1.18
CA VAL A 31 24.10 -10.00 -1.23
C VAL A 31 23.28 -10.98 -0.41
N ALA A 32 22.04 -10.58 -0.06
CA ALA A 32 21.05 -11.50 0.51
C ALA A 32 20.15 -11.91 -0.64
N LEU A 33 19.92 -13.22 -0.81
CA LEU A 33 18.94 -13.76 -1.80
C LEU A 33 17.75 -14.34 -1.12
N LYS A 34 16.53 -13.91 -1.46
CA LYS A 34 15.32 -14.70 -1.14
C LYS A 34 14.93 -15.58 -2.33
N LYS A 35 14.92 -16.88 -2.11
CA LYS A 35 14.66 -17.84 -3.15
C LYS A 35 13.26 -18.37 -2.95
N ILE A 36 12.43 -18.17 -3.99
CA ILE A 36 11.11 -18.77 -4.09
C ILE A 36 11.17 -19.90 -5.12
N ARG A 37 10.70 -21.07 -4.72
CA ARG A 37 10.62 -22.23 -5.60
C ARG A 37 9.22 -22.26 -6.16
N LEU A 38 9.04 -21.76 -7.38
CA LEU A 38 7.71 -21.63 -8.01
C LEU A 38 6.96 -22.99 -8.21
N ASP A 39 7.73 -24.03 -8.49
CA ASP A 39 7.21 -25.40 -8.61
C ASP A 39 6.51 -25.90 -7.34
N THR A 40 6.79 -25.23 -6.24
CA THR A 40 6.37 -25.61 -4.90
C THR A 40 5.12 -24.78 -4.48
N GLU A 41 4.86 -23.71 -5.25
CA GLU A 41 3.91 -22.67 -4.92
C GLU A 41 2.61 -23.06 -5.57
N THR A 42 1.48 -22.82 -4.92
CA THR A 42 0.20 -23.19 -5.51
C THR A 42 -0.60 -22.01 -6.09
N GLU A 43 -0.11 -20.77 -5.93
CA GLU A 43 -0.78 -19.58 -6.47
C GLU A 43 0.22 -18.68 -7.23
N GLY A 44 1.26 -19.30 -7.78
CA GLY A 44 2.54 -18.75 -8.24
C GLY A 44 3.59 -17.95 -7.49
N VAL A 45 4.03 -17.05 -7.70
CA VAL A 45 4.42 -15.75 -7.16
C VAL A 45 3.41 -15.36 -6.13
N PRO A 46 3.77 -15.66 -4.87
CA PRO A 46 2.93 -15.32 -3.73
C PRO A 46 2.66 -13.84 -3.68
N SER A 47 1.45 -13.52 -3.24
CA SER A 47 1.04 -12.14 -3.11
C SER A 47 2.05 -11.30 -2.32
N THR A 48 2.63 -11.89 -1.29
CA THR A 48 3.60 -11.18 -0.47
C THR A 48 4.83 -10.80 -1.27
N ALA A 49 5.25 -11.64 -2.22
CA ALA A 49 6.41 -11.34 -3.03
C ALA A 49 6.11 -10.28 -4.09
N ILE A 50 4.95 -10.39 -4.75
CA ILE A 50 4.53 -9.38 -5.68
C ILE A 50 4.50 -7.99 -5.05
N ARG A 51 3.95 -7.88 -3.85
CA ARG A 51 3.93 -6.62 -3.09
C ARG A 51 5.32 -6.20 -2.66
N GLU A 52 6.07 -7.09 -2.01
CA GLU A 52 7.44 -6.74 -1.62
C GLU A 52 8.25 -6.21 -2.82
N ILE A 53 8.21 -6.90 -3.97
CA ILE A 53 8.95 -6.44 -5.17
C ILE A 53 8.50 -5.08 -5.69
N SER A 54 7.20 -4.97 -6.00
CA SER A 54 6.65 -3.74 -6.57
C SER A 54 6.83 -2.56 -5.65
N LEU A 55 6.61 -2.76 -4.35
CA LEU A 55 6.75 -1.66 -3.41
C LEU A 55 8.19 -1.16 -3.32
N LEU A 56 9.13 -2.08 -3.13
CA LEU A 56 10.56 -1.72 -3.03
C LEU A 56 11.21 -1.18 -4.31
N LYS A 57 10.69 -1.56 -5.47
CA LYS A 57 11.12 -0.96 -6.74
C LYS A 57 10.93 0.57 -6.72
N GLU A 58 9.95 1.07 -5.99
CA GLU A 58 9.69 2.47 -5.91
C GLU A 58 10.07 3.09 -4.57
N LEU A 59 10.82 2.39 -3.72
CA LEU A 59 11.17 2.96 -2.42
C LEU A 59 12.69 3.00 -2.22
N ASN A 60 13.38 3.84 -2.97
CA ASN A 60 14.82 3.95 -2.82
C ASN A 60 15.19 5.06 -1.83
N HIS A 61 15.77 4.63 -0.71
CA HIS A 61 16.11 5.54 0.38
C HIS A 61 17.28 4.91 1.16
N PRO A 62 18.22 5.72 1.66
CA PRO A 62 19.35 5.25 2.47
C PRO A 62 18.98 4.33 3.66
N ASN A 63 17.76 4.47 4.20
CA ASN A 63 17.30 3.72 5.38
C ASN A 63 16.23 2.68 5.07
N ILE A 64 16.26 2.22 3.84
CA ILE A 64 15.39 1.15 3.36
C ILE A 64 16.27 0.19 2.60
N VAL A 65 16.28 -1.07 3.09
CA VAL A 65 17.04 -2.15 2.46
C VAL A 65 16.75 -2.15 0.95
N LYS A 66 17.80 -2.08 0.15
CA LYS A 66 17.63 -1.99 -1.27
C LYS A 66 17.39 -3.35 -1.93
N LEU A 67 16.33 -3.39 -2.75
CA LEU A 67 16.11 -4.47 -3.70
C LEU A 67 17.00 -4.21 -4.91
N LEU A 68 17.98 -5.09 -5.13
CA LEU A 68 18.99 -4.85 -6.18
C LEU A 68 18.59 -5.45 -7.53
N ASP A 69 17.86 -6.57 -7.52
CA ASP A 69 17.49 -7.31 -8.73
C ASP A 69 16.40 -8.35 -8.46
N VAL A 70 15.69 -8.76 -9.50
CA VAL A 70 14.73 -9.88 -9.46
C VAL A 70 15.08 -10.80 -10.63
N ILE A 71 15.40 -12.07 -10.32
CA ILE A 71 15.87 -13.03 -11.32
C ILE A 71 14.94 -14.27 -11.41
N HIS A 72 14.37 -14.46 -12.58
CA HIS A 72 13.54 -15.61 -12.83
C HIS A 72 14.40 -16.58 -13.66
N THR A 73 14.59 -17.77 -13.11
CA THR A 73 15.54 -18.74 -13.63
C THR A 73 14.88 -20.07 -13.30
N GLU A 74 14.48 -20.79 -14.34
CA GLU A 74 13.29 -21.64 -14.33
C GLU A 74 12.91 -22.45 -13.05
N ASN A 75 11.62 -22.45 -12.75
CA ASN A 75 11.06 -22.96 -11.48
C ASN A 75 11.37 -22.07 -10.25
N LYS A 76 12.22 -21.06 -10.41
CA LYS A 76 12.65 -20.24 -9.26
C LYS A 76 12.60 -18.73 -9.46
N LEU A 77 12.26 -18.00 -8.41
CA LEU A 77 12.32 -16.55 -8.46
C LEU A 77 13.24 -16.05 -7.31
N TYR A 78 14.28 -15.32 -7.67
CA TYR A 78 15.21 -14.79 -6.70
C TYR A 78 15.04 -13.29 -6.53
N LEU A 79 14.87 -12.82 -5.30
CA LEU A 79 15.00 -11.41 -4.98
C LEU A 79 16.40 -11.18 -4.35
N VAL A 80 17.11 -10.22 -4.92
CA VAL A 80 18.47 -9.91 -4.54
C VAL A 80 18.44 -8.56 -3.83
N PHE A 81 18.98 -8.52 -2.61
CA PHE A 81 18.96 -7.32 -1.76
C PHE A 81 20.36 -7.01 -1.30
N GLU A 82 20.62 -5.72 -0.99
CA GLU A 82 21.85 -5.42 -0.25
C GLU A 82 21.89 -6.28 0.98
N PHE A 83 23.10 -6.69 1.37
CA PHE A 83 23.30 -7.53 2.54
C PHE A 83 23.74 -6.61 3.66
N LEU A 84 23.04 -6.72 4.79
CA LEU A 84 23.46 -6.05 6.00
C LEU A 84 23.82 -7.06 7.12
N HIS A 85 24.98 -6.77 7.68
CA HIS A 85 25.60 -7.32 8.90
C HIS A 85 24.66 -8.10 9.79
N GLN A 86 23.84 -7.34 10.49
CA GLN A 86 22.94 -7.95 11.41
C GLN A 86 21.70 -7.11 11.62
N ASP A 87 21.12 -7.41 12.76
CA ASP A 87 19.72 -7.40 13.02
C ASP A 87 19.75 -6.60 14.30
N LEU A 88 18.83 -5.64 14.47
CA LEU A 88 18.77 -4.88 15.72
C LEU A 88 18.51 -5.76 16.96
N LYS A 89 17.74 -6.86 16.81
CA LYS A 89 17.55 -7.82 17.91
C LYS A 89 18.87 -8.38 18.43
N LYS A 90 19.68 -8.87 17.50
CA LYS A 90 20.95 -9.44 17.86
C LYS A 90 21.90 -8.39 18.46
N PHE A 91 21.85 -7.15 17.94
CA PHE A 91 22.63 -6.05 18.47
C PHE A 91 22.18 -5.61 19.87
N MET A 92 20.89 -5.46 20.06
CA MET A 92 20.35 -5.27 21.40
C MET A 92 20.79 -6.39 22.37
N ASP A 93 20.67 -7.66 21.97
CA ASP A 93 21.01 -8.76 22.87
C ASP A 93 22.51 -8.71 23.20
N ALA A 94 23.36 -8.56 22.18
CA ALA A 94 24.82 -8.41 22.42
C ALA A 94 25.18 -7.23 23.36
N SER A 95 24.37 -6.18 23.35
CA SER A 95 24.63 -4.95 24.11
C SER A 95 23.87 -4.93 25.41
N ALA A 96 23.22 -6.02 25.78
CA ALA A 96 22.28 -5.97 26.91
C ALA A 96 22.93 -5.73 28.27
N LEU A 97 24.18 -6.13 28.47
CA LEU A 97 24.77 -5.97 29.79
C LEU A 97 25.39 -4.57 29.91
N THR A 98 25.94 -4.11 28.79
CA THR A 98 26.54 -2.78 28.62
C THR A 98 25.57 -1.61 28.39
N GLY A 99 24.51 -1.84 27.63
CA GLY A 99 23.66 -0.75 27.14
C GLY A 99 24.18 -0.26 25.79
N ILE A 100 23.26 0.10 24.90
CA ILE A 100 23.61 0.86 23.72
C ILE A 100 23.74 2.32 24.15
N PRO A 101 24.86 2.98 23.83
CA PRO A 101 25.04 4.39 24.17
C PRO A 101 23.89 5.26 23.66
N LEU A 102 23.49 6.24 24.46
CA LEU A 102 22.39 7.11 24.09
C LEU A 102 22.54 7.78 22.70
N PRO A 103 23.72 8.31 22.38
CA PRO A 103 23.88 8.92 21.05
C PRO A 103 23.60 7.92 19.90
N LEU A 104 23.96 6.65 20.06
CA LEU A 104 23.69 5.64 19.03
C LEU A 104 22.19 5.32 18.96
N ILE A 105 21.56 5.26 20.13
CA ILE A 105 20.12 5.04 20.21
C ILE A 105 19.37 6.15 19.46
N LYS A 106 19.77 7.39 19.70
CA LYS A 106 19.23 8.57 19.05
C LYS A 106 19.46 8.55 17.52
N SER A 107 20.69 8.20 17.09
CA SER A 107 21.01 8.08 15.67
C SER A 107 20.10 7.05 14.99
N TYR A 108 20.03 5.84 15.59
CA TYR A 108 19.20 4.75 15.07
C TYR A 108 17.75 5.20 14.97
N LEU A 109 17.21 5.84 16.02
CA LEU A 109 15.80 6.26 15.95
C LEU A 109 15.60 7.28 14.83
N PHE A 110 16.50 8.24 14.74
CA PHE A 110 16.40 9.29 13.72
C PHE A 110 16.33 8.67 12.31
N GLN A 111 17.19 7.70 12.04
CA GLN A 111 17.31 7.02 10.75
C GLN A 111 16.12 6.15 10.43
N LEU A 112 15.62 5.45 11.45
CA LEU A 112 14.39 4.66 11.36
C LEU A 112 13.19 5.56 10.97
N LEU A 113 13.11 6.72 11.60
CA LEU A 113 12.02 7.69 11.36
C LEU A 113 12.15 8.31 9.98
N GLN A 114 13.39 8.54 9.52
CA GLN A 114 13.62 9.02 8.13
C GLN A 114 13.17 7.96 7.12
N GLY A 115 13.54 6.70 7.33
CA GLY A 115 13.12 5.64 6.41
C GLY A 115 11.62 5.44 6.45
N LEU A 116 11.03 5.54 7.64
CA LEU A 116 9.58 5.41 7.77
C LEU A 116 8.80 6.63 7.23
N ALA A 117 9.29 7.84 7.51
CA ALA A 117 8.69 9.05 6.93
C ALA A 117 8.58 8.91 5.43
N PHE A 118 9.63 8.33 4.85
CA PHE A 118 9.70 8.04 3.41
C PHE A 118 8.67 7.03 2.93
N CYS A 119 8.54 5.89 3.58
CA CYS A 119 7.47 4.94 3.25
C CYS A 119 6.12 5.63 3.30
N HIS A 120 5.84 6.36 4.38
CA HIS A 120 4.53 6.94 4.59
C HIS A 120 4.20 8.03 3.57
N SER A 121 5.20 8.79 3.14
CA SER A 121 4.97 9.85 2.15
C SER A 121 4.68 9.21 0.79
N HIS A 122 5.20 8.00 0.58
CA HIS A 122 4.92 7.23 -0.64
C HIS A 122 3.76 6.27 -0.50
N ARG A 123 3.03 6.40 0.61
CA ARG A 123 1.77 5.69 0.84
C ARG A 123 1.89 4.16 1.03
N VAL A 124 2.93 3.81 1.81
CA VAL A 124 3.30 2.45 2.09
C VAL A 124 3.28 2.27 3.61
N LEU A 125 2.50 1.29 4.06
CA LEU A 125 2.49 0.83 5.45
C LEU A 125 3.44 -0.35 5.53
N HIS A 126 4.37 -0.31 6.49
CA HIS A 126 5.29 -1.43 6.68
C HIS A 126 4.58 -2.61 7.35
N ARG A 127 3.99 -2.35 8.53
CA ARG A 127 3.17 -3.34 9.24
C ARG A 127 3.92 -4.54 9.82
N ASP A 128 5.24 -4.50 9.90
CA ASP A 128 5.94 -5.58 10.60
C ASP A 128 7.24 -5.05 11.17
N LEU A 129 7.19 -3.84 11.76
CA LEU A 129 8.38 -3.27 12.35
C LEU A 129 8.61 -3.98 13.69
N LYS A 130 9.72 -4.69 13.78
CA LYS A 130 10.14 -5.33 15.00
C LYS A 130 11.65 -5.35 14.80
N PRO A 131 12.42 -5.44 15.91
CA PRO A 131 13.88 -5.38 15.87
C PRO A 131 14.58 -6.31 14.87
N GLN A 132 14.04 -7.50 14.66
CA GLN A 132 14.62 -8.42 13.67
C GLN A 132 14.44 -8.01 12.21
N ASN A 133 13.58 -7.03 11.94
CA ASN A 133 13.41 -6.48 10.59
C ASN A 133 14.13 -5.14 10.38
N LEU A 134 14.91 -4.75 11.38
CA LEU A 134 15.75 -3.56 11.35
C LEU A 134 17.19 -3.99 11.25
N LEU A 135 17.80 -3.69 10.11
CA LEU A 135 19.12 -4.23 9.84
C LEU A 135 20.19 -3.18 9.98
N ILE A 136 21.31 -3.56 10.55
CA ILE A 136 22.39 -2.62 10.81
C ILE A 136 23.68 -3.05 10.08
N ASN A 137 24.51 -2.07 9.75
CA ASN A 137 25.81 -2.35 9.18
C ASN A 137 26.93 -1.93 10.14
N THR A 138 28.18 -2.03 9.71
CA THR A 138 29.31 -1.73 10.58
C THR A 138 29.62 -0.25 10.62
N GLU A 139 28.90 0.57 9.86
CA GLU A 139 29.23 1.98 9.79
C GLU A 139 28.23 2.89 10.47
N GLY A 140 27.35 2.33 11.28
CA GLY A 140 26.41 3.13 12.01
C GLY A 140 25.08 3.35 11.33
N ALA A 141 24.86 2.75 10.14
CA ALA A 141 23.54 2.82 9.47
C ALA A 141 22.54 1.79 10.02
N ILE A 142 21.25 2.13 9.98
CA ILE A 142 20.17 1.19 10.23
C ILE A 142 19.07 1.36 9.16
N LYS A 143 18.44 0.26 8.79
CA LYS A 143 17.52 0.25 7.66
C LYS A 143 16.33 -0.66 7.92
N LEU A 144 15.19 -0.25 7.37
CA LEU A 144 13.93 -1.00 7.37
C LEU A 144 14.04 -2.11 6.34
N ALA A 145 13.71 -3.32 6.81
CA ALA A 145 13.77 -4.49 5.95
C ALA A 145 12.49 -5.32 6.05
N ASP A 146 12.47 -6.39 5.29
CA ASP A 146 11.34 -7.33 5.21
C ASP A 146 9.96 -6.67 5.04
N PHE A 147 9.72 -6.27 3.80
CA PHE A 147 8.48 -5.68 3.34
C PHE A 147 7.51 -6.72 2.82
N GLY A 148 7.72 -7.96 3.27
CA GLY A 148 6.79 -9.07 3.01
C GLY A 148 5.40 -8.88 3.58
N LEU A 149 5.21 -7.99 4.55
CA LEU A 149 3.87 -7.75 5.10
C LEU A 149 3.34 -6.33 4.85
N ALA A 150 4.05 -5.55 4.04
CA ALA A 150 3.71 -4.17 3.75
C ALA A 150 2.54 -4.11 2.76
N ARG A 151 1.97 -2.93 2.62
CA ARG A 151 1.00 -2.70 1.57
C ARG A 151 0.83 -1.20 1.31
N ALA A 152 0.63 -0.90 0.04
CA ALA A 152 0.20 0.42 -0.43
C ALA A 152 -1.09 0.78 0.26
N PHE A 153 -1.24 2.03 0.67
CA PHE A 153 -2.53 2.42 1.20
C PHE A 153 -3.16 3.47 0.29
N GLY A 154 -4.49 3.45 0.18
CA GLY A 154 -5.21 4.46 -0.57
C GLY A 154 -5.61 5.62 0.32
N VAL A 155 -6.16 6.66 -0.31
CA VAL A 155 -6.75 7.83 0.35
C VAL A 155 -8.20 7.92 -0.12
N PRO A 156 -9.18 7.55 0.74
CA PRO A 156 -8.92 7.18 2.11
C PRO A 156 -8.59 5.70 2.14
N VAL A 157 -8.31 5.18 3.32
CA VAL A 157 -8.00 3.77 3.43
C VAL A 157 -9.34 3.03 3.31
N ARG A 158 -9.27 1.71 3.16
CA ARG A 158 -10.40 0.83 3.47
C ARG A 158 -9.91 -0.23 4.45
N THR A 159 -10.81 -1.12 4.85
CA THR A 159 -10.44 -2.25 5.71
C THR A 159 -9.35 -3.14 5.07
N TYR A 160 -8.23 -3.27 5.76
CA TYR A 160 -7.13 -4.15 5.31
C TYR A 160 -7.03 -5.42 6.15
N TPO A 161 -5.95 -6.19 5.95
CA TPO A 161 -5.74 -7.48 6.64
CB TPO A 161 -4.45 -8.19 6.20
CG2 TPO A 161 -4.15 -9.49 6.97
OG1 TPO A 161 -4.56 -8.47 4.81
P TPO A 161 -3.73 -7.64 3.70
O1P TPO A 161 -4.25 -8.05 2.37
O2P TPO A 161 -3.97 -6.16 4.03
O3P TPO A 161 -2.25 -8.04 3.72
C TPO A 161 -5.64 -7.22 8.12
O TPO A 161 -4.84 -6.37 8.53
N HIS A 162 -6.43 -7.95 8.92
CA HIS A 162 -6.45 -7.77 10.38
C HIS A 162 -5.27 -8.42 11.13
N GLU A 163 -4.76 -9.54 10.60
CA GLU A 163 -3.68 -10.30 11.23
C GLU A 163 -2.35 -9.63 10.87
N VAL A 164 -2.11 -8.45 11.46
CA VAL A 164 -0.88 -7.69 11.08
C VAL A 164 -0.07 -7.29 12.30
N VAL A 165 1.24 -7.23 12.09
CA VAL A 165 2.23 -6.88 13.11
C VAL A 165 2.39 -8.00 14.14
N THR A 166 3.64 -8.33 14.40
CA THR A 166 4.02 -9.18 15.53
C THR A 166 3.44 -8.60 16.80
N LEU A 167 2.92 -9.51 17.63
CA LEU A 167 2.14 -9.16 18.83
C LEU A 167 2.70 -8.03 19.71
N TRP A 168 3.98 -8.15 20.09
CA TRP A 168 4.65 -7.23 21.03
C TRP A 168 4.72 -5.82 20.54
N TYR A 169 4.69 -5.69 19.21
CA TYR A 169 4.84 -4.41 18.50
C TYR A 169 3.51 -3.89 17.95
N ARG A 170 2.41 -4.63 18.17
CA ARG A 170 1.05 -4.35 17.63
C ARG A 170 0.31 -3.27 18.37
N ALA A 171 -0.28 -2.36 17.59
CA ALA A 171 -0.91 -1.17 18.09
C ALA A 171 -2.29 -1.49 18.66
N PRO A 172 -2.76 -0.68 19.63
CA PRO A 172 -4.04 -0.97 20.30
C PRO A 172 -5.24 -0.87 19.33
N GLU A 173 -5.17 -0.01 18.30
CA GLU A 173 -6.30 0.06 17.33
C GLU A 173 -6.43 -1.25 16.58
N ILE A 174 -5.33 -2.02 16.41
CA ILE A 174 -5.43 -3.32 15.75
C ILE A 174 -5.98 -4.35 16.76
N LEU A 175 -5.45 -4.32 17.97
CA LEU A 175 -5.87 -5.28 18.99
C LEU A 175 -7.34 -5.09 19.39
N LEU A 176 -7.84 -3.85 19.30
CA LEU A 176 -9.22 -3.61 19.66
C LEU A 176 -10.18 -3.72 18.46
N GLY A 177 -9.68 -4.25 17.34
CA GLY A 177 -10.49 -4.59 16.17
C GLY A 177 -11.03 -3.42 15.36
N CYS A 178 -10.37 -2.26 15.37
CA CYS A 178 -10.82 -1.11 14.54
C CYS A 178 -11.04 -1.51 13.06
N LYS A 179 -12.13 -1.02 12.46
CA LYS A 179 -12.36 -1.16 11.01
C LYS A 179 -11.13 -0.72 10.16
N TYR A 180 -10.55 0.41 10.56
CA TYR A 180 -9.48 1.06 9.81
C TYR A 180 -8.23 1.22 10.65
N TYR A 181 -7.10 1.02 10.00
CA TYR A 181 -5.83 1.46 10.57
C TYR A 181 -4.98 2.10 9.51
N SER A 182 -3.94 2.82 9.94
CA SER A 182 -3.17 3.69 9.07
C SER A 182 -1.68 3.62 9.45
N THR A 183 -0.97 4.68 9.07
CA THR A 183 0.46 4.85 9.33
C THR A 183 0.79 4.85 10.81
N ALA A 184 -0.18 5.27 11.65
CA ALA A 184 -0.03 5.32 13.11
C ALA A 184 0.40 3.97 13.66
N VAL A 185 0.07 2.90 12.95
CA VAL A 185 0.49 1.56 13.46
C VAL A 185 2.01 1.33 13.42
N ASP A 186 2.68 1.87 12.42
CA ASP A 186 4.14 1.76 12.33
C ASP A 186 4.88 2.63 13.38
N ILE A 187 4.35 3.84 13.65
CA ILE A 187 4.88 4.68 14.70
C ILE A 187 4.77 3.99 16.09
N TRP A 188 3.65 3.34 16.35
CA TRP A 188 3.52 2.56 17.57
C TRP A 188 4.67 1.56 17.69
N SER A 189 4.89 0.74 16.67
CA SER A 189 5.97 -0.25 16.69
C SER A 189 7.34 0.42 16.96
N LEU A 190 7.64 1.56 16.34
CA LEU A 190 8.89 2.26 16.60
C LEU A 190 9.02 2.82 18.00
N GLY A 191 7.91 3.24 18.60
CA GLY A 191 7.87 3.73 20.00
C GLY A 191 8.19 2.58 20.94
N CYS A 192 7.62 1.40 20.69
CA CYS A 192 8.01 0.16 21.42
C CYS A 192 9.48 -0.16 21.24
N ILE A 193 9.98 -0.03 20.01
CA ILE A 193 11.40 -0.29 19.73
C ILE A 193 12.36 0.69 20.40
N PHE A 194 12.04 1.98 20.35
CA PHE A 194 12.78 3.05 21.04
C PHE A 194 13.00 2.68 22.50
N ALA A 195 11.90 2.41 23.22
CA ALA A 195 11.96 2.06 24.65
C ALA A 195 12.76 0.77 24.88
N GLU A 196 12.59 -0.17 23.98
CA GLU A 196 13.35 -1.40 24.05
C GLU A 196 14.86 -1.17 23.93
N MET A 197 15.32 -0.22 23.07
CA MET A 197 16.75 0.10 22.96
C MET A 197 17.29 0.70 24.28
N VAL A 198 16.44 1.52 24.90
CA VAL A 198 16.72 2.20 26.15
C VAL A 198 16.75 1.21 27.31
N THR A 199 15.73 0.36 27.42
CA THR A 199 15.65 -0.54 28.58
C THR A 199 16.34 -1.89 28.36
N ARG A 200 16.61 -2.27 27.11
CA ARG A 200 16.96 -3.64 26.77
C ARG A 200 15.96 -4.72 27.24
N ARG A 201 14.70 -4.37 27.20
CA ARG A 201 13.64 -5.30 27.52
C ARG A 201 12.51 -4.89 26.58
N ALA A 202 11.82 -5.84 25.98
CA ALA A 202 10.64 -5.49 25.19
C ALA A 202 9.65 -4.75 26.09
N LEU A 203 9.05 -3.69 25.57
CA LEU A 203 8.16 -2.85 26.37
C LEU A 203 6.91 -3.61 26.81
N PHE A 204 6.30 -4.33 25.88
CA PHE A 204 4.99 -4.97 26.12
C PHE A 204 5.05 -6.41 25.62
N PRO A 205 5.72 -7.31 26.35
CA PRO A 205 5.95 -8.65 25.80
C PRO A 205 4.78 -9.65 26.01
N GLY A 206 3.63 -9.38 25.38
CA GLY A 206 2.43 -10.21 25.61
C GLY A 206 2.53 -11.64 25.11
N ASP A 207 1.74 -12.53 25.72
CA ASP A 207 1.63 -13.91 25.20
C ASP A 207 0.23 -14.26 24.62
N SER A 208 -0.59 -13.26 24.37
CA SER A 208 -1.92 -13.43 23.77
C SER A 208 -2.43 -12.03 23.49
N GLU A 209 -3.52 -11.93 22.75
CA GLU A 209 -4.05 -10.60 22.41
C GLU A 209 -4.52 -9.85 23.64
N ILE A 210 -5.23 -10.51 24.54
CA ILE A 210 -5.75 -9.82 25.73
C ILE A 210 -4.62 -9.48 26.75
N ASP A 211 -3.63 -10.34 26.88
CA ASP A 211 -2.45 -10.07 27.70
C ASP A 211 -1.66 -8.88 27.15
N GLN A 212 -1.47 -8.84 25.84
CA GLN A 212 -0.92 -7.67 25.17
C GLN A 212 -1.63 -6.34 25.50
N LEU A 213 -2.96 -6.30 25.35
CA LEU A 213 -3.77 -5.13 25.70
C LEU A 213 -3.64 -4.77 27.18
N PHE A 214 -3.72 -5.76 28.07
CA PHE A 214 -3.54 -5.50 29.48
C PHE A 214 -2.16 -4.97 29.85
N ARG A 215 -1.11 -5.49 29.21
CA ARG A 215 0.25 -4.91 29.35
C ARG A 215 0.31 -3.45 28.96
N ILE A 216 -0.34 -3.11 27.84
CA ILE A 216 -0.40 -1.74 27.40
C ILE A 216 -1.16 -0.88 28.41
N PHE A 217 -2.35 -1.34 28.80
CA PHE A 217 -3.22 -0.63 29.76
C PHE A 217 -2.55 -0.34 31.11
N ARG A 218 -1.85 -1.34 31.65
CA ARG A 218 -1.15 -1.23 32.91
C ARG A 218 -0.05 -0.19 32.89
N THR A 219 0.55 0.04 31.71
CA THR A 219 1.66 1.00 31.60
C THR A 219 1.15 2.40 31.23
N LEU A 220 0.25 2.48 30.27
CA LEU A 220 -0.14 3.75 29.75
C LEU A 220 -1.48 4.18 30.32
N GLY A 221 -2.13 3.34 31.13
CA GLY A 221 -3.41 3.66 31.68
C GLY A 221 -4.46 3.14 30.73
N THR A 222 -5.56 2.68 31.29
CA THR A 222 -6.68 2.23 30.49
C THR A 222 -7.28 3.44 29.78
N PRO A 223 -7.36 3.35 28.45
CA PRO A 223 -7.90 4.42 27.63
C PRO A 223 -9.43 4.59 27.87
N ASP A 224 -9.93 5.82 27.73
CA ASP A 224 -11.36 6.13 27.74
C ASP A 224 -11.66 7.11 26.61
N GLU A 225 -12.91 7.57 26.54
CA GLU A 225 -13.38 8.43 25.45
C GLU A 225 -12.66 9.78 25.38
N VAL A 226 -12.18 10.25 26.53
CA VAL A 226 -11.37 11.48 26.60
C VAL A 226 -10.01 11.37 25.92
N VAL A 227 -9.20 10.37 26.27
CA VAL A 227 -7.92 10.21 25.61
C VAL A 227 -8.10 9.67 24.19
N TRP A 228 -9.17 8.91 23.96
CA TRP A 228 -9.31 8.21 22.70
C TRP A 228 -10.79 8.14 22.29
N PRO A 229 -11.29 9.21 21.65
CA PRO A 229 -12.69 9.23 21.14
C PRO A 229 -13.01 7.99 20.30
N GLY A 230 -14.03 7.27 20.72
CA GLY A 230 -14.39 6.00 20.07
C GLY A 230 -13.91 4.68 20.69
N VAL A 231 -12.92 4.68 21.59
CA VAL A 231 -12.49 3.39 22.15
C VAL A 231 -13.61 2.51 22.61
N THR A 232 -14.59 3.09 23.32
CA THR A 232 -15.62 2.26 23.96
C THR A 232 -16.62 1.68 22.97
N SER A 233 -16.56 2.13 21.72
CA SER A 233 -17.43 1.61 20.66
C SER A 233 -16.70 0.64 19.73
N MET A 234 -15.45 0.31 20.07
CA MET A 234 -14.64 -0.58 19.24
C MET A 234 -15.00 -2.02 19.46
N PRO A 235 -14.97 -2.81 18.38
CA PRO A 235 -15.54 -4.17 18.41
C PRO A 235 -15.05 -5.00 19.61
N ASP A 236 -13.75 -4.91 19.94
CA ASP A 236 -13.21 -5.67 21.08
C ASP A 236 -12.92 -4.90 22.37
N TYR A 237 -13.52 -3.71 22.51
CA TYR A 237 -13.52 -3.07 23.80
C TYR A 237 -14.48 -3.79 24.73
N LYS A 238 -14.11 -3.92 26.00
CA LYS A 238 -15.04 -4.39 27.03
C LYS A 238 -15.09 -3.41 28.20
N PRO A 239 -16.30 -3.03 28.63
CA PRO A 239 -16.51 -2.21 29.84
C PRO A 239 -15.88 -2.81 31.09
N SER A 240 -15.77 -4.15 31.13
CA SER A 240 -15.10 -4.85 32.23
C SER A 240 -13.56 -4.71 32.33
N PHE A 241 -12.86 -4.29 31.27
CA PHE A 241 -11.42 -4.00 31.43
C PHE A 241 -11.16 -3.22 32.74
N PRO A 242 -10.16 -3.64 33.52
CA PRO A 242 -9.77 -2.89 34.71
C PRO A 242 -9.26 -1.49 34.34
N LYS A 243 -9.35 -0.57 35.30
CA LYS A 243 -9.01 0.82 35.06
C LYS A 243 -7.72 1.16 35.73
N TRP A 244 -6.64 0.96 34.97
CA TRP A 244 -5.30 1.21 35.46
C TRP A 244 -4.96 2.65 35.19
N ALA A 245 -4.18 3.24 36.10
CA ALA A 245 -3.67 4.58 35.94
C ALA A 245 -2.34 4.52 35.16
N ARG A 246 -2.11 5.55 34.36
CA ARG A 246 -0.86 5.70 33.64
C ARG A 246 0.34 5.72 34.61
N GLN A 247 1.37 4.97 34.22
CA GLN A 247 2.64 4.98 34.94
C GLN A 247 3.54 6.08 34.43
N ASP A 248 4.23 6.69 35.38
CA ASP A 248 5.05 7.83 35.09
C ASP A 248 6.28 7.31 34.35
N PHE A 249 6.64 8.00 33.26
CA PHE A 249 7.67 7.55 32.33
C PHE A 249 9.06 7.63 32.91
N SER A 250 9.18 8.34 34.02
CA SER A 250 10.43 8.38 34.76
C SER A 250 10.79 6.99 35.24
N LYS A 251 9.78 6.15 35.45
CA LYS A 251 9.99 4.80 35.97
C LYS A 251 9.96 3.75 34.85
N VAL A 252 9.22 4.03 33.77
CA VAL A 252 9.13 3.14 32.61
C VAL A 252 10.45 3.10 31.81
N VAL A 253 11.03 4.29 31.57
CA VAL A 253 12.25 4.47 30.81
C VAL A 253 13.24 5.36 31.57
N PRO A 254 13.85 4.85 32.65
CA PRO A 254 14.72 5.66 33.52
C PRO A 254 15.87 6.42 32.81
N PRO A 255 16.62 5.79 31.87
CA PRO A 255 17.73 6.48 31.21
C PRO A 255 17.38 7.72 30.37
N LEU A 256 16.10 7.90 30.08
CA LEU A 256 15.66 8.93 29.14
C LEU A 256 15.47 10.31 29.78
N ASP A 257 15.86 11.35 29.05
CA ASP A 257 15.69 12.70 29.50
C ASP A 257 14.28 13.18 29.18
N GLU A 258 14.06 14.48 29.27
CA GLU A 258 12.72 14.99 29.15
C GLU A 258 12.23 14.94 27.71
N ASP A 259 13.18 15.18 26.80
CA ASP A 259 12.94 15.18 25.38
C ASP A 259 12.59 13.77 24.94
N GLY A 260 13.39 12.79 25.36
CA GLY A 260 13.21 11.38 25.04
C GLY A 260 11.85 10.91 25.52
N ARG A 261 11.54 11.17 26.80
CA ARG A 261 10.23 10.86 27.40
C ARG A 261 9.03 11.48 26.65
N SER A 262 9.18 12.72 26.24
CA SER A 262 8.12 13.44 25.52
C SER A 262 7.91 12.79 24.13
N LEU A 263 9.02 12.56 23.43
CA LEU A 263 8.93 11.90 22.17
C LEU A 263 8.23 10.54 22.35
N LEU A 264 8.78 9.72 23.24
CA LEU A 264 8.26 8.37 23.37
C LEU A 264 6.75 8.45 23.68
N SER A 265 6.37 9.37 24.55
CA SER A 265 4.98 9.50 24.93
C SER A 265 4.07 9.86 23.72
N GLN A 266 4.58 10.66 22.79
CA GLN A 266 3.82 11.05 21.61
C GLN A 266 3.73 9.92 20.58
N MET A 267 4.72 9.03 20.62
CA MET A 267 4.73 7.85 19.73
C MET A 267 3.77 6.75 20.19
N LEU A 268 3.34 6.83 21.44
CA LEU A 268 2.51 5.77 22.06
C LEU A 268 1.13 6.34 22.44
N HIS A 269 0.78 7.50 21.89
CA HIS A 269 -0.57 8.00 22.05
C HIS A 269 -1.57 6.94 21.61
N TYR A 270 -2.63 6.78 22.40
CA TYR A 270 -3.66 5.83 22.15
C TYR A 270 -4.39 6.13 20.85
N ASP A 271 -4.71 7.40 20.68
CA ASP A 271 -5.51 7.87 19.56
C ASP A 271 -4.61 7.97 18.32
N PRO A 272 -4.86 7.11 17.32
CA PRO A 272 -4.10 7.13 16.06
C PRO A 272 -4.15 8.47 15.35
N ASN A 273 -5.22 9.24 15.54
CA ASN A 273 -5.31 10.58 15.00
C ASN A 273 -4.42 11.57 15.73
N LYS A 274 -4.03 11.28 16.96
CA LYS A 274 -3.11 12.19 17.70
C LYS A 274 -1.66 11.69 17.78
N ARG A 275 -1.43 10.41 17.46
CA ARG A 275 -0.11 9.83 17.62
C ARG A 275 0.78 10.59 16.64
N ILE A 276 2.02 10.91 17.05
CA ILE A 276 2.93 11.73 16.21
C ILE A 276 3.26 11.04 14.91
N SER A 277 3.44 11.79 13.81
CA SER A 277 3.91 11.24 12.54
C SER A 277 5.42 11.01 12.53
N ALA A 278 5.89 10.24 11.58
CA ALA A 278 7.32 10.04 11.44
C ALA A 278 8.01 11.39 11.10
N LYS A 279 7.36 12.17 10.25
CA LYS A 279 7.88 13.47 9.86
C LYS A 279 7.93 14.45 11.01
N ALA A 280 6.87 14.54 11.82
CA ALA A 280 6.84 15.46 12.97
C ALA A 280 7.81 15.01 14.07
N ALA A 281 7.94 13.70 14.24
CA ALA A 281 8.95 13.15 15.15
C ALA A 281 10.38 13.61 14.83
N LEU A 282 10.69 13.79 13.54
CA LEU A 282 12.01 14.21 13.09
C LEU A 282 12.32 15.66 13.56
N ALA A 283 11.28 16.44 13.78
CA ALA A 283 11.43 17.85 14.15
C ALA A 283 11.42 17.98 15.69
N HIS A 284 11.27 16.86 16.39
CA HIS A 284 11.22 16.87 17.87
C HIS A 284 12.57 17.32 18.47
N PRO A 285 12.52 18.08 19.56
CA PRO A 285 13.73 18.51 20.27
C PRO A 285 14.71 17.41 20.65
N PHE A 286 14.22 16.18 20.82
CA PHE A 286 15.08 15.05 21.12
C PHE A 286 16.21 15.01 20.08
N PHE A 287 15.89 15.44 18.85
CA PHE A 287 16.82 15.37 17.73
C PHE A 287 17.50 16.70 17.42
N GLN A 288 17.56 17.62 18.38
CA GLN A 288 18.21 18.93 18.17
C GLN A 288 19.70 18.78 17.87
N ASP A 289 20.37 17.94 18.66
CA ASP A 289 21.78 17.66 18.51
C ASP A 289 21.97 16.56 17.47
N VAL A 290 21.28 16.73 16.34
CA VAL A 290 21.29 15.81 15.20
C VAL A 290 20.87 16.58 13.94
N THR A 291 19.76 17.34 14.01
CA THR A 291 19.15 17.93 12.83
C THR A 291 18.64 19.38 12.98
N LYS A 292 18.29 19.98 11.86
CA LYS A 292 17.78 21.36 11.77
C LYS A 292 16.63 21.46 10.75
N PRO A 293 15.65 22.32 11.03
CA PRO A 293 14.56 22.53 10.07
C PRO A 293 15.07 23.15 8.75
N VAL A 294 14.43 22.79 7.64
CA VAL A 294 14.72 23.48 6.37
C VAL A 294 13.82 24.72 6.31
N PRO A 295 14.32 25.82 5.73
CA PRO A 295 13.50 27.00 5.54
C PRO A 295 12.07 26.65 5.12
N HIS A 296 11.13 27.29 5.80
CA HIS A 296 9.71 27.13 5.62
C HIS A 296 9.21 28.09 4.54
N LEU A 297 8.69 27.54 3.44
CA LEU A 297 7.99 28.37 2.44
C LEU A 297 6.50 28.48 2.78
N ARG A 298 6.09 29.65 3.28
CA ARG A 298 4.71 29.92 3.74
C ARG A 298 3.99 28.68 4.25
N SER B 8 -1.95 20.46 -4.37
CA SER B 8 -2.67 21.26 -3.31
C SER B 8 -4.23 21.21 -3.31
N PRO B 9 -4.86 20.06 -3.61
CA PRO B 9 -6.23 19.85 -3.14
C PRO B 9 -6.22 19.22 -1.75
N LEU B 10 -5.12 18.56 -1.41
CA LEU B 10 -4.99 17.88 -0.11
C LEU B 10 -4.92 18.89 1.04
N PRO B 11 -5.58 18.55 2.15
CA PRO B 11 -5.41 19.28 3.41
C PRO B 11 -4.02 19.05 4.03
N VAL B 12 -3.69 19.85 5.05
CA VAL B 12 -2.55 19.57 5.91
C VAL B 12 -2.71 18.14 6.46
N LEU B 13 -1.66 17.33 6.33
CA LEU B 13 -1.74 15.90 6.60
C LEU B 13 -1.31 15.56 8.04
N SER B 14 -1.95 14.54 8.64
CA SER B 14 -1.59 14.06 9.99
C SER B 14 -0.49 13.00 9.98
N TRP B 15 -0.12 12.54 8.78
CA TRP B 15 0.85 11.46 8.63
C TRP B 15 2.08 11.81 7.81
N ALA B 16 2.13 13.01 7.25
CA ALA B 16 3.22 13.39 6.32
C ALA B 16 3.04 14.82 5.81
N ASN B 17 3.89 15.20 4.86
CA ASN B 17 3.87 16.51 4.23
C ASN B 17 2.91 16.43 3.03
N ARG B 18 1.81 17.17 3.06
CA ARG B 18 0.82 17.13 1.97
C ARG B 18 1.39 17.51 0.59
N GLU B 19 2.36 18.43 0.61
CA GLU B 19 3.06 18.88 -0.59
C GLU B 19 3.86 17.70 -1.12
N GLU B 20 4.60 17.05 -0.22
CA GLU B 20 5.38 15.87 -0.53
C GLU B 20 4.50 14.72 -1.04
N VAL B 21 3.43 14.40 -0.30
CA VAL B 21 2.54 13.28 -0.66
C VAL B 21 1.94 13.49 -2.06
N TRP B 22 1.46 14.70 -2.30
CA TRP B 22 0.74 15.00 -3.54
C TRP B 22 1.73 14.99 -4.70
N LYS B 23 2.94 15.51 -4.45
CA LYS B 23 3.95 15.57 -5.47
C LYS B 23 4.42 14.18 -5.91
N ILE B 24 4.52 13.24 -4.95
CA ILE B 24 4.94 11.88 -5.26
C ILE B 24 3.85 11.24 -6.06
N MET B 25 2.60 11.53 -5.67
CA MET B 25 1.43 11.06 -6.38
C MET B 25 1.46 11.58 -7.81
N LEU B 26 1.70 12.89 -7.98
CA LEU B 26 1.79 13.46 -9.33
C LEU B 26 2.92 12.82 -10.11
N ASN B 27 4.01 12.54 -9.42
CA ASN B 27 5.22 12.13 -10.13
C ASN B 27 5.24 10.65 -10.42
N LYS B 28 4.42 9.89 -9.71
CA LYS B 28 4.34 8.47 -9.99
C LYS B 28 3.53 8.37 -11.26
N GLU B 29 2.51 9.22 -11.36
CA GLU B 29 1.72 9.36 -12.61
C GLU B 29 2.58 9.62 -13.86
N LYS B 30 3.84 10.04 -13.67
CA LYS B 30 4.73 10.27 -14.81
C LYS B 30 5.78 9.18 -15.06
N THR B 31 5.80 8.13 -14.25
CA THR B 31 6.63 6.96 -14.54
C THR B 31 5.75 5.84 -15.08
N TYR B 32 4.44 6.03 -14.99
CA TYR B 32 3.50 5.02 -15.41
C TYR B 32 2.91 5.49 -16.72
N LEU B 33 3.63 5.13 -17.78
CA LEU B 33 3.37 5.59 -19.13
C LEU B 33 2.24 4.81 -19.77
N ARG B 34 1.29 5.54 -20.35
CA ARG B 34 0.16 4.98 -21.10
C ARG B 34 0.15 5.52 -22.56
N ASP B 35 -0.37 4.72 -23.51
CA ASP B 35 -0.28 5.03 -24.96
C ASP B 35 -1.60 4.74 -25.66
N GLN B 36 -2.30 5.79 -26.04
CA GLN B 36 -3.62 5.73 -26.69
C GLN B 36 -3.65 4.93 -28.01
N HIS B 37 -2.50 4.84 -28.68
CA HIS B 37 -2.40 4.16 -29.98
C HIS B 37 -1.67 2.82 -29.94
N PHE B 38 -1.64 2.18 -28.77
CA PHE B 38 -0.82 0.97 -28.63
C PHE B 38 -1.30 -0.22 -29.48
N LEU B 39 -2.58 -0.24 -29.86
CA LEU B 39 -3.13 -1.32 -30.70
C LEU B 39 -2.64 -1.26 -32.16
N GLU B 40 -1.94 -0.18 -32.52
CA GLU B 40 -1.25 -0.11 -33.80
C GLU B 40 -0.14 -1.17 -33.88
N GLN B 41 0.39 -1.56 -32.72
CA GLN B 41 1.40 -2.62 -32.67
C GLN B 41 0.75 -3.99 -32.87
N HIS B 42 -0.57 -4.06 -32.83
CA HIS B 42 -1.27 -5.32 -32.95
C HIS B 42 -2.28 -5.27 -34.12
N PRO B 43 -1.81 -5.36 -35.38
CA PRO B 43 -2.66 -5.08 -36.56
C PRO B 43 -3.90 -5.96 -36.63
N LEU B 44 -3.79 -7.20 -36.14
CA LEU B 44 -4.94 -8.12 -36.05
C LEU B 44 -5.99 -7.76 -34.98
N LEU B 45 -5.69 -6.80 -34.10
CA LEU B 45 -6.65 -6.32 -33.11
C LEU B 45 -7.33 -4.98 -33.50
N GLN B 46 -8.54 -4.82 -32.97
CA GLN B 46 -9.40 -3.65 -33.12
C GLN B 46 -9.75 -3.17 -31.73
N PRO B 47 -10.00 -1.86 -31.56
CA PRO B 47 -10.42 -1.32 -30.27
C PRO B 47 -11.59 -2.01 -29.57
N LYS B 48 -12.59 -2.52 -30.29
CA LYS B 48 -13.74 -3.18 -29.62
C LYS B 48 -13.40 -4.55 -28.99
N MET B 49 -12.28 -5.15 -29.41
CA MET B 49 -11.74 -6.34 -28.74
C MET B 49 -11.26 -5.96 -27.33
N ARG B 50 -10.49 -4.87 -27.23
CA ARG B 50 -10.01 -4.33 -25.94
C ARG B 50 -11.15 -4.02 -24.98
N ALA B 51 -12.23 -3.43 -25.51
CA ALA B 51 -13.40 -3.05 -24.73
C ALA B 51 -14.22 -4.27 -24.28
N ILE B 52 -14.31 -5.26 -25.17
CA ILE B 52 -14.99 -6.51 -24.90
C ILE B 52 -14.24 -7.22 -23.79
N LEU B 53 -12.91 -7.27 -23.93
CA LEU B 53 -12.06 -7.89 -22.90
C LEU B 53 -12.20 -7.20 -21.54
N LEU B 54 -12.05 -5.86 -21.53
CA LEU B 54 -12.19 -5.09 -20.28
C LEU B 54 -13.59 -5.20 -19.65
N ASP B 55 -14.64 -5.18 -20.48
CA ASP B 55 -16.04 -5.34 -20.05
C ASP B 55 -16.30 -6.68 -19.36
N TRP B 56 -15.79 -7.75 -19.95
CA TRP B 56 -15.81 -9.08 -19.35
C TRP B 56 -15.05 -9.14 -18.02
N LEU B 57 -13.86 -8.55 -17.93
CA LEU B 57 -13.18 -8.46 -16.62
C LEU B 57 -14.01 -7.78 -15.52
N MET B 58 -14.76 -6.72 -15.88
CA MET B 58 -15.63 -6.01 -14.93
C MET B 58 -16.68 -6.96 -14.39
N GLU B 59 -17.19 -7.80 -15.30
CA GLU B 59 -18.18 -8.80 -14.92
C GLU B 59 -17.63 -9.93 -14.05
N VAL B 60 -16.47 -10.50 -14.40
CA VAL B 60 -15.84 -11.40 -13.43
C VAL B 60 -15.58 -10.76 -12.07
N CYS B 61 -15.09 -9.51 -12.04
CA CYS B 61 -14.89 -8.80 -10.77
C CYS B 61 -16.15 -8.75 -9.93
N GLU B 62 -17.27 -8.48 -10.60
CA GLU B 62 -18.54 -8.40 -9.86
C GLU B 62 -18.96 -9.77 -9.31
N VAL B 63 -18.84 -10.80 -10.14
CA VAL B 63 -19.17 -12.18 -9.74
C VAL B 63 -18.38 -12.58 -8.50
N TYR B 64 -17.10 -12.16 -8.46
CA TYR B 64 -16.23 -12.49 -7.36
C TYR B 64 -16.16 -11.44 -6.28
N LYS B 65 -16.92 -10.35 -6.47
CA LYS B 65 -17.06 -9.24 -5.51
C LYS B 65 -15.71 -8.63 -5.22
N LEU B 66 -14.87 -8.61 -6.25
CA LEU B 66 -13.58 -7.91 -6.17
C LEU B 66 -13.81 -6.38 -6.23
N HIS B 67 -12.82 -5.67 -5.72
CA HIS B 67 -12.87 -4.25 -5.53
C HIS B 67 -12.59 -3.54 -6.85
N ARG B 68 -13.12 -2.32 -6.97
CA ARG B 68 -12.93 -1.52 -8.21
C ARG B 68 -11.45 -1.29 -8.45
N GLU B 69 -10.71 -1.07 -7.36
CA GLU B 69 -9.27 -0.92 -7.42
C GLU B 69 -8.62 -2.14 -8.09
N THR B 70 -9.14 -3.34 -7.84
CA THR B 70 -8.59 -4.50 -8.58
C THR B 70 -8.92 -4.60 -10.04
N PHE B 71 -10.13 -4.20 -10.44
CA PHE B 71 -10.39 -4.08 -11.84
C PHE B 71 -9.46 -3.06 -12.48
N TYR B 72 -9.36 -1.86 -11.92
CA TYR B 72 -8.51 -0.83 -12.52
C TYR B 72 -7.01 -1.18 -12.57
N LEU B 73 -6.51 -1.93 -11.58
CA LEU B 73 -5.14 -2.46 -11.68
C LEU B 73 -4.98 -3.35 -12.91
N ALA B 74 -5.90 -4.29 -13.03
CA ALA B 74 -5.92 -5.25 -14.13
C ALA B 74 -6.00 -4.53 -15.49
N GLN B 75 -6.87 -3.52 -15.58
CA GLN B 75 -7.02 -2.69 -16.78
C GLN B 75 -5.68 -2.05 -17.11
N ASP B 76 -5.05 -1.47 -16.09
CA ASP B 76 -3.76 -0.79 -16.27
C ASP B 76 -2.63 -1.75 -16.65
N PHE B 77 -2.52 -2.89 -15.97
CA PHE B 77 -1.50 -3.91 -16.28
C PHE B 77 -1.69 -4.38 -17.73
N PHE B 78 -2.94 -4.63 -18.11
CA PHE B 78 -3.26 -5.00 -19.46
C PHE B 78 -2.80 -3.96 -20.51
N ASP B 79 -3.24 -2.70 -20.35
CA ASP B 79 -2.88 -1.67 -21.34
C ASP B 79 -1.37 -1.50 -21.43
N ARG B 80 -0.70 -1.36 -20.29
CA ARG B 80 0.77 -1.20 -20.26
C ARG B 80 1.54 -2.42 -20.80
N TYR B 81 1.04 -3.64 -20.50
CA TYR B 81 1.68 -4.85 -21.02
C TYR B 81 1.65 -4.86 -22.55
N MET B 82 0.46 -4.70 -23.11
CA MET B 82 0.28 -4.67 -24.55
C MET B 82 1.19 -3.67 -25.30
N ALA B 83 1.47 -2.51 -24.69
CA ALA B 83 2.42 -1.54 -25.26
C ALA B 83 3.85 -2.06 -25.35
N THR B 84 4.23 -2.98 -24.46
CA THR B 84 5.53 -3.64 -24.57
C THR B 84 5.54 -4.77 -25.62
N GLN B 85 4.35 -5.15 -26.08
CA GLN B 85 4.19 -6.32 -26.97
C GLN B 85 3.83 -5.96 -28.41
N GLU B 86 4.04 -6.91 -29.32
CA GLU B 86 3.98 -6.60 -30.76
C GLU B 86 3.00 -7.27 -31.70
N ASN B 87 2.54 -8.50 -31.51
CA ASN B 87 1.67 -9.05 -32.58
C ASN B 87 0.54 -9.96 -32.08
N VAL B 88 -0.08 -9.54 -31.01
CA VAL B 88 -1.03 -10.36 -30.29
C VAL B 88 -2.27 -10.60 -31.11
N VAL B 89 -2.83 -11.79 -30.96
CA VAL B 89 -3.99 -12.25 -31.70
C VAL B 89 -5.18 -12.25 -30.73
N LYS B 90 -6.38 -12.10 -31.29
CA LYS B 90 -7.63 -12.13 -30.56
C LYS B 90 -7.68 -13.25 -29.51
N THR B 91 -7.21 -14.44 -29.89
CA THR B 91 -7.32 -15.61 -29.02
C THR B 91 -6.38 -15.62 -27.81
N LEU B 92 -5.44 -14.68 -27.74
CA LEU B 92 -4.51 -14.59 -26.59
C LEU B 92 -5.02 -13.60 -25.52
N LEU B 93 -5.99 -12.78 -25.91
CA LEU B 93 -6.55 -11.72 -25.07
C LEU B 93 -7.11 -12.16 -23.69
N GLN B 94 -7.88 -13.25 -23.69
CA GLN B 94 -8.48 -13.75 -22.45
C GLN B 94 -7.41 -14.19 -21.44
N LEU B 95 -6.33 -14.79 -21.93
CA LEU B 95 -5.23 -15.20 -21.09
C LEU B 95 -4.55 -13.99 -20.46
N ILE B 96 -4.20 -13.01 -21.29
CA ILE B 96 -3.49 -11.81 -20.85
C ILE B 96 -4.34 -11.02 -19.84
N GLY B 97 -5.66 -10.96 -20.10
CA GLY B 97 -6.62 -10.25 -19.23
C GLY B 97 -6.90 -10.93 -17.90
N ILE B 98 -7.34 -12.18 -17.90
CA ILE B 98 -7.51 -12.92 -16.62
C ILE B 98 -6.22 -13.01 -15.77
N SER B 99 -5.04 -13.00 -16.41
CA SER B 99 -3.74 -13.04 -15.72
C SER B 99 -3.35 -11.71 -15.12
N SER B 100 -3.66 -10.60 -15.82
CA SER B 100 -3.58 -9.25 -15.23
C SER B 100 -4.52 -9.16 -14.00
N LEU B 101 -5.74 -9.68 -14.15
CA LEU B 101 -6.66 -9.73 -13.02
C LEU B 101 -6.10 -10.57 -11.84
N PHE B 102 -5.49 -11.72 -12.13
CA PHE B 102 -4.91 -12.60 -11.10
C PHE B 102 -3.82 -11.85 -10.29
N ILE B 103 -2.89 -11.19 -10.99
CA ILE B 103 -1.87 -10.38 -10.29
C ILE B 103 -2.52 -9.31 -9.40
N ALA B 104 -3.51 -8.61 -9.95
CA ALA B 104 -4.19 -7.49 -9.29
C ALA B 104 -4.93 -7.94 -8.06
N ALA B 105 -5.61 -9.08 -8.14
CA ALA B 105 -6.34 -9.64 -7.00
C ALA B 105 -5.40 -10.10 -5.90
N LYS B 106 -4.30 -10.77 -6.26
CA LYS B 106 -3.26 -11.08 -5.23
C LYS B 106 -2.67 -9.84 -4.53
N LEU B 107 -2.43 -8.79 -5.29
CA LEU B 107 -1.97 -7.52 -4.73
C LEU B 107 -2.99 -6.85 -3.83
N GLU B 108 -4.26 -6.83 -4.24
CA GLU B 108 -5.25 -5.89 -3.70
C GLU B 108 -6.22 -6.46 -2.62
N GLU B 109 -6.65 -7.72 -2.78
CA GLU B 109 -7.63 -8.38 -1.91
C GLU B 109 -7.03 -9.06 -0.70
N ILE B 110 -7.75 -9.02 0.43
CA ILE B 110 -7.36 -9.80 1.61
C ILE B 110 -7.33 -11.33 1.29
N TYR B 111 -8.44 -11.84 0.76
CA TYR B 111 -8.61 -13.22 0.32
C TYR B 111 -9.02 -13.29 -1.17
N PRO B 112 -8.05 -13.25 -2.08
CA PRO B 112 -8.35 -13.19 -3.49
C PRO B 112 -8.90 -14.58 -3.93
N PRO B 113 -9.62 -14.66 -5.06
CA PRO B 113 -9.97 -15.98 -5.59
C PRO B 113 -8.66 -16.76 -5.86
N LYS B 114 -8.76 -18.08 -5.75
CA LYS B 114 -7.64 -18.97 -5.98
C LYS B 114 -7.43 -19.09 -7.47
N LEU B 115 -6.21 -19.46 -7.83
CA LEU B 115 -5.84 -19.68 -9.23
C LEU B 115 -6.82 -20.60 -9.96
N HIS B 116 -7.23 -21.71 -9.32
CA HIS B 116 -8.23 -22.58 -9.96
C HIS B 116 -9.56 -21.84 -10.20
N GLN B 117 -9.81 -20.76 -9.48
CA GLN B 117 -11.04 -19.98 -9.67
C GLN B 117 -10.86 -19.11 -10.90
N PHE B 118 -9.68 -18.52 -11.08
CA PHE B 118 -9.37 -17.76 -12.30
C PHE B 118 -9.33 -18.66 -13.58
N ALA B 119 -8.92 -19.91 -13.44
CA ALA B 119 -8.99 -20.88 -14.55
C ALA B 119 -10.46 -21.16 -14.91
N TYR B 120 -11.24 -21.42 -13.88
CA TYR B 120 -12.63 -21.78 -13.98
C TYR B 120 -13.48 -20.74 -14.71
N VAL B 121 -13.30 -19.46 -14.39
CA VAL B 121 -14.14 -18.41 -14.94
C VAL B 121 -13.90 -18.17 -16.46
N THR B 122 -12.80 -18.70 -17.00
CA THR B 122 -12.57 -18.68 -18.46
C THR B 122 -13.31 -19.81 -19.20
N ASP B 123 -14.02 -20.64 -18.44
CA ASP B 123 -14.89 -21.66 -19.00
C ASP B 123 -14.07 -22.71 -19.76
N GLY B 124 -12.80 -22.90 -19.40
CA GLY B 124 -11.99 -23.91 -20.04
C GLY B 124 -10.89 -23.38 -20.95
N ALA B 125 -10.98 -22.11 -21.34
CA ALA B 125 -10.09 -21.53 -22.34
C ALA B 125 -8.63 -21.30 -21.87
N CYS B 126 -8.44 -21.09 -20.57
CA CYS B 126 -7.10 -20.95 -19.99
C CYS B 126 -6.92 -21.89 -18.80
N SER B 127 -5.77 -22.54 -18.71
CA SER B 127 -5.46 -23.42 -17.60
C SER B 127 -4.66 -22.68 -16.54
N GLY B 128 -4.62 -23.20 -15.32
CA GLY B 128 -3.84 -22.58 -14.25
C GLY B 128 -2.39 -22.37 -14.67
N ASP B 129 -1.80 -23.40 -15.28
CA ASP B 129 -0.40 -23.37 -15.72
C ASP B 129 -0.10 -22.27 -16.73
N GLU B 130 -1.07 -21.98 -17.58
CA GLU B 130 -0.99 -20.89 -18.51
C GLU B 130 -1.12 -19.50 -17.87
N ILE B 131 -2.00 -19.35 -16.88
CA ILE B 131 -2.12 -18.11 -16.10
C ILE B 131 -0.80 -17.86 -15.33
N LEU B 132 -0.26 -18.93 -14.74
CA LEU B 132 1.04 -18.91 -14.11
C LEU B 132 2.19 -18.45 -15.03
N THR B 133 2.24 -18.98 -16.25
CA THR B 133 3.28 -18.59 -17.21
C THR B 133 3.12 -17.11 -17.57
N MET B 134 1.89 -16.75 -17.89
CA MET B 134 1.54 -15.41 -18.31
C MET B 134 1.72 -14.34 -17.24
N GLU B 135 1.37 -14.60 -15.97
CA GLU B 135 1.58 -13.54 -14.95
C GLU B 135 3.04 -13.20 -14.87
N LEU B 136 3.93 -14.19 -15.04
CA LEU B 136 5.35 -13.92 -15.00
C LEU B 136 5.78 -13.09 -16.20
N MET B 137 5.24 -13.39 -17.38
CA MET B 137 5.53 -12.60 -18.58
C MET B 137 5.12 -11.12 -18.41
N ILE B 138 3.87 -10.89 -17.99
CA ILE B 138 3.34 -9.57 -17.61
C ILE B 138 4.23 -8.85 -16.57
N MET B 139 4.46 -9.46 -15.41
CA MET B 139 5.28 -8.75 -14.41
C MET B 139 6.69 -8.40 -14.88
N LYS B 140 7.36 -9.33 -15.59
CA LYS B 140 8.72 -9.05 -16.04
C LYS B 140 8.71 -7.94 -17.10
N ALA B 141 7.73 -7.98 -17.98
CA ALA B 141 7.61 -6.98 -19.04
C ALA B 141 7.31 -5.59 -18.48
N LEU B 142 6.59 -5.53 -17.35
CA LEU B 142 6.31 -4.24 -16.70
C LEU B 142 7.46 -3.82 -15.80
N LYS B 143 8.51 -4.64 -15.73
CA LYS B 143 9.66 -4.42 -14.85
C LYS B 143 9.16 -4.35 -13.41
N TRP B 144 8.16 -5.17 -13.09
CA TRP B 144 7.61 -5.23 -11.72
C TRP B 144 7.04 -3.90 -11.16
N ARG B 145 6.70 -2.95 -12.05
CA ARG B 145 6.01 -1.70 -11.65
C ARG B 145 4.49 -1.94 -11.72
N LEU B 146 3.97 -2.31 -10.58
CA LEU B 146 2.64 -2.84 -10.42
C LEU B 146 1.89 -2.01 -9.37
N SER B 147 2.38 -0.79 -9.10
CA SER B 147 1.77 0.11 -8.11
C SER B 147 1.31 1.42 -8.74
N PRO B 148 0.50 1.41 -9.79
CA PRO B 148 0.05 2.71 -10.34
C PRO B 148 -1.03 3.36 -9.49
N LEU B 149 -1.23 4.65 -9.72
CA LEU B 149 -2.42 5.34 -9.27
C LEU B 149 -3.45 5.17 -10.40
N THR B 150 -4.47 4.35 -10.13
CA THR B 150 -5.47 4.00 -11.15
C THR B 150 -6.49 5.11 -11.26
N ILE B 151 -7.34 4.98 -12.26
CA ILE B 151 -8.44 5.91 -12.49
C ILE B 151 -9.30 6.03 -11.23
N VAL B 152 -9.71 4.90 -10.68
CA VAL B 152 -10.62 4.90 -9.53
C VAL B 152 -9.95 5.34 -8.21
N SER B 153 -8.64 5.14 -8.05
CA SER B 153 -8.02 5.63 -6.81
C SER B 153 -8.07 7.16 -6.78
N TRP B 154 -7.99 7.80 -7.94
CA TRP B 154 -8.07 9.26 -7.97
C TRP B 154 -9.44 9.70 -7.60
N LEU B 155 -10.44 8.95 -8.04
CA LEU B 155 -11.83 9.28 -7.70
C LEU B 155 -12.02 9.14 -6.17
N ASN B 156 -11.45 8.09 -5.61
CA ASN B 156 -11.39 7.95 -4.15
C ASN B 156 -10.83 9.13 -3.41
N VAL B 157 -9.61 9.51 -3.76
CA VAL B 157 -8.98 10.78 -3.28
C VAL B 157 -9.96 11.99 -3.40
N TYR B 158 -10.48 12.25 -4.61
CA TYR B 158 -11.29 13.43 -4.87
C TYR B 158 -12.52 13.49 -3.99
N MET B 159 -13.18 12.35 -3.83
CA MET B 159 -14.41 12.25 -3.02
C MET B 159 -14.19 12.48 -1.52
N GLN B 160 -13.03 12.03 -1.03
CA GLN B 160 -12.60 12.29 0.33
C GLN B 160 -12.43 13.79 0.61
N VAL B 161 -11.76 14.46 -0.30
CA VAL B 161 -11.53 15.90 -0.15
C VAL B 161 -12.88 16.65 -0.22
N ALA B 162 -13.74 16.24 -1.16
CA ALA B 162 -15.08 16.83 -1.37
C ALA B 162 -15.86 16.93 -0.06
N TYR B 163 -15.72 15.88 0.75
CA TYR B 163 -16.47 15.68 1.95
C TYR B 163 -15.60 15.83 3.21
N LEU B 164 -14.57 16.65 3.10
CA LEU B 164 -13.67 16.98 4.20
C LEU B 164 -14.36 17.86 5.24
N ASN B 165 -14.20 17.46 6.50
CA ASN B 165 -14.71 18.20 7.68
C ASN B 165 -13.76 19.27 8.18
N ASP B 166 -14.14 19.96 9.26
CA ASP B 166 -13.20 20.85 9.93
C ASP B 166 -12.28 20.02 10.84
N LEU B 167 -12.61 18.72 10.96
CA LEU B 167 -11.70 17.72 11.52
C LEU B 167 -11.00 17.02 10.35
N HIS B 168 -9.84 17.56 9.97
CA HIS B 168 -9.18 17.29 8.69
C HIS B 168 -8.43 15.96 8.60
N GLU B 169 -9.17 14.85 8.72
CA GLU B 169 -8.59 13.53 8.49
C GLU B 169 -9.04 13.00 7.12
N VAL B 170 -8.08 12.91 6.20
CA VAL B 170 -8.36 12.44 4.84
C VAL B 170 -8.38 10.93 4.71
N LEU B 171 -7.68 10.23 5.63
CA LEU B 171 -7.50 8.76 5.53
C LEU B 171 -8.67 7.93 6.02
N LEU B 172 -9.54 8.52 6.82
CA LEU B 172 -10.75 7.84 7.24
C LEU B 172 -11.89 8.12 6.23
N PRO B 173 -12.38 7.07 5.56
CA PRO B 173 -13.46 7.21 4.55
C PRO B 173 -14.71 7.91 5.10
N GLN B 174 -15.15 8.95 4.41
CA GLN B 174 -16.21 9.84 4.89
C GLN B 174 -16.98 10.55 3.78
N TYR B 175 -17.38 9.80 2.75
CA TYR B 175 -18.18 10.35 1.66
C TYR B 175 -19.40 9.44 1.37
N PRO B 176 -20.46 9.98 0.74
CA PRO B 176 -21.59 9.21 0.26
C PRO B 176 -21.32 8.16 -0.83
N GLN B 177 -21.58 6.92 -0.42
CA GLN B 177 -21.40 5.72 -1.21
C GLN B 177 -22.07 5.81 -2.58
N GLN B 178 -23.32 6.28 -2.58
CA GLN B 178 -24.19 6.26 -3.75
C GLN B 178 -23.76 7.23 -4.90
N ILE B 179 -23.13 8.34 -4.58
CA ILE B 179 -22.68 9.30 -5.60
C ILE B 179 -21.36 8.86 -6.25
N PHE B 180 -20.49 8.31 -5.41
CA PHE B 180 -19.24 7.67 -5.85
C PHE B 180 -19.52 6.63 -6.95
N ILE B 181 -20.42 5.69 -6.66
CA ILE B 181 -20.90 4.66 -7.66
C ILE B 181 -21.30 5.24 -9.01
N GLN B 182 -21.93 6.39 -8.95
CA GLN B 182 -22.51 6.98 -10.13
C GLN B 182 -21.41 7.57 -11.03
N ILE B 183 -20.44 8.26 -10.45
CA ILE B 183 -19.22 8.71 -11.20
C ILE B 183 -18.33 7.55 -11.71
N ALA B 184 -18.24 6.48 -10.91
CA ALA B 184 -17.40 5.32 -11.26
C ALA B 184 -17.93 4.68 -12.54
N GLU B 185 -19.24 4.61 -12.62
CA GLU B 185 -19.97 4.00 -13.74
C GLU B 185 -19.71 4.75 -15.07
N LEU B 186 -19.46 6.05 -14.98
CA LEU B 186 -19.07 6.86 -16.14
C LEU B 186 -17.62 6.56 -16.53
N LEU B 187 -16.75 6.47 -15.53
CA LEU B 187 -15.37 6.13 -15.75
C LEU B 187 -15.25 4.72 -16.35
N ASP B 188 -15.96 3.74 -15.79
CA ASP B 188 -15.99 2.38 -16.40
C ASP B 188 -16.38 2.39 -17.88
N LEU B 189 -17.24 3.31 -18.31
CA LEU B 189 -17.61 3.41 -19.74
C LEU B 189 -16.41 3.98 -20.47
N CYS B 190 -15.89 5.11 -19.98
CA CYS B 190 -14.78 5.76 -20.63
C CYS B 190 -13.51 4.91 -20.77
N VAL B 191 -13.24 3.97 -19.83
CA VAL B 191 -12.06 3.05 -19.99
C VAL B 191 -12.21 2.07 -21.11
N LEU B 192 -13.46 1.77 -21.43
CA LEU B 192 -13.79 0.87 -22.55
C LEU B 192 -13.31 1.46 -23.89
N ASP B 193 -13.20 2.78 -23.99
CA ASP B 193 -12.67 3.38 -25.21
C ASP B 193 -11.20 3.69 -25.03
N VAL B 194 -10.40 3.18 -25.94
CA VAL B 194 -8.95 3.13 -25.80
C VAL B 194 -8.28 4.52 -25.92
N ASP B 195 -9.01 5.49 -26.47
CA ASP B 195 -8.53 6.87 -26.59
C ASP B 195 -8.50 7.63 -25.26
N CYS B 196 -9.15 7.07 -24.23
CA CYS B 196 -9.06 7.60 -22.86
C CYS B 196 -7.61 7.70 -22.43
N LEU B 197 -6.78 6.81 -22.96
CA LEU B 197 -5.37 6.70 -22.59
C LEU B 197 -4.55 7.94 -22.92
N GLU B 198 -5.11 8.83 -23.72
CA GLU B 198 -4.45 10.09 -24.02
C GLU B 198 -4.45 11.05 -22.82
N PHE B 199 -5.46 10.96 -21.97
CA PHE B 199 -5.55 11.77 -20.74
C PHE B 199 -5.04 11.05 -19.47
N PRO B 200 -4.14 11.70 -18.73
CA PRO B 200 -3.70 11.23 -17.41
C PRO B 200 -4.86 10.73 -16.58
N TYR B 201 -4.62 9.65 -15.85
CA TYR B 201 -5.67 8.98 -15.08
C TYR B 201 -6.40 9.95 -14.17
N GLY B 202 -5.64 10.87 -13.57
CA GLY B 202 -6.17 11.90 -12.64
C GLY B 202 -7.06 12.91 -13.33
N ILE B 203 -6.83 13.11 -14.63
CA ILE B 203 -7.66 13.99 -15.48
C ILE B 203 -8.98 13.32 -15.82
N LEU B 204 -8.92 12.03 -16.11
CA LEU B 204 -10.10 11.25 -16.43
C LEU B 204 -11.05 11.30 -15.26
N ALA B 205 -10.49 11.06 -14.10
CA ALA B 205 -11.27 11.02 -12.87
C ALA B 205 -11.78 12.42 -12.52
N ALA B 206 -11.00 13.47 -12.83
CA ALA B 206 -11.43 14.86 -12.57
C ALA B 206 -12.55 15.29 -13.50
N SER B 207 -12.46 14.83 -14.75
CA SER B 207 -13.39 15.21 -15.79
C SER B 207 -14.72 14.54 -15.56
N ALA B 208 -14.69 13.29 -15.12
CA ALA B 208 -15.91 12.58 -14.77
C ALA B 208 -16.61 13.24 -13.58
N LEU B 209 -15.82 13.61 -12.58
CA LEU B 209 -16.41 14.21 -11.36
C LEU B 209 -17.03 15.57 -11.73
N TYR B 210 -16.31 16.33 -12.56
CA TYR B 210 -16.80 17.61 -13.13
C TYR B 210 -18.18 17.45 -13.77
N HIS B 211 -18.34 16.42 -14.59
CA HIS B 211 -19.61 16.12 -15.26
C HIS B 211 -20.75 15.86 -14.31
N PHE B 212 -20.43 15.44 -13.08
CA PHE B 212 -21.45 15.19 -12.09
C PHE B 212 -21.54 16.34 -11.10
N SER B 213 -20.78 17.41 -11.34
CA SER B 213 -20.73 18.48 -10.34
C SER B 213 -20.48 19.80 -11.00
N SER B 214 -19.30 20.38 -10.72
CA SER B 214 -18.90 21.65 -11.33
C SER B 214 -17.39 21.78 -11.41
N SER B 215 -16.97 22.89 -12.01
CA SER B 215 -15.59 23.26 -12.13
C SER B 215 -15.01 23.64 -10.76
N GLU B 216 -15.82 24.25 -9.89
CA GLU B 216 -15.30 24.72 -8.59
C GLU B 216 -15.07 23.55 -7.65
N LEU B 217 -16.02 22.62 -7.58
CA LEU B 217 -15.76 21.37 -6.89
C LEU B 217 -14.56 20.66 -7.47
N MET B 218 -14.59 20.38 -8.77
CA MET B 218 -13.50 19.66 -9.42
C MET B 218 -12.15 20.25 -8.99
N GLN B 219 -12.06 21.58 -9.11
CA GLN B 219 -10.84 22.34 -8.85
C GLN B 219 -10.38 22.23 -7.42
N LYS B 220 -11.31 22.38 -6.49
CA LYS B 220 -11.03 22.29 -5.05
C LYS B 220 -10.56 20.90 -4.57
N VAL B 221 -11.11 19.84 -5.16
CA VAL B 221 -10.76 18.45 -4.74
C VAL B 221 -9.61 17.80 -5.54
N SER B 222 -9.44 18.21 -6.81
CA SER B 222 -8.29 17.84 -7.63
C SER B 222 -7.74 19.15 -8.10
N GLY B 223 -6.57 19.57 -7.61
CA GLY B 223 -6.10 20.93 -7.92
C GLY B 223 -5.92 21.31 -9.38
N TYR B 224 -6.73 20.76 -10.29
CA TYR B 224 -6.62 21.12 -11.69
C TYR B 224 -7.48 22.34 -11.99
N GLN B 225 -6.91 23.26 -12.76
CA GLN B 225 -7.65 24.37 -13.29
C GLN B 225 -8.48 23.79 -14.40
N TRP B 226 -9.49 24.54 -14.84
CA TRP B 226 -10.41 24.02 -15.83
C TRP B 226 -9.79 23.71 -17.20
N CYS B 227 -8.67 24.36 -17.51
CA CYS B 227 -8.02 24.17 -18.78
C CYS B 227 -7.18 22.90 -18.86
N ASP B 228 -6.76 22.38 -17.71
CA ASP B 228 -6.16 21.04 -17.61
C ASP B 228 -7.14 19.95 -18.10
N ILE B 229 -8.42 20.24 -17.88
CA ILE B 229 -9.54 19.31 -17.89
C ILE B 229 -10.35 19.44 -19.17
N GLU B 230 -10.30 20.64 -19.75
CA GLU B 230 -11.14 21.04 -20.88
C GLU B 230 -11.15 20.05 -22.06
N ASN B 231 -9.97 19.68 -22.57
CA ASN B 231 -9.83 18.68 -23.62
C ASN B 231 -10.52 17.36 -23.27
N CYS B 232 -10.16 16.81 -22.10
CA CYS B 232 -10.74 15.60 -21.59
C CYS B 232 -12.26 15.73 -21.48
N VAL B 233 -12.71 16.84 -20.85
CA VAL B 233 -14.14 17.11 -20.70
C VAL B 233 -14.84 17.03 -22.04
N LYS B 234 -14.21 17.56 -23.09
CA LYS B 234 -14.78 17.54 -24.43
C LYS B 234 -14.89 16.15 -25.00
N TRP B 235 -13.82 15.38 -24.84
CA TRP B 235 -13.85 13.97 -25.22
C TRP B 235 -14.89 13.16 -24.42
N MET B 236 -14.97 13.42 -23.11
CA MET B 236 -15.91 12.70 -22.24
C MET B 236 -17.39 13.02 -22.54
N VAL B 237 -17.66 14.24 -23.00
CA VAL B 237 -19.01 14.72 -23.35
C VAL B 237 -20.04 13.62 -23.81
N PRO B 238 -19.77 12.92 -24.92
CA PRO B 238 -20.70 11.87 -25.39
C PRO B 238 -20.99 10.81 -24.32
N PHE B 239 -19.96 10.37 -23.62
CA PHE B 239 -20.10 9.31 -22.63
C PHE B 239 -20.98 9.77 -21.49
N ALA B 240 -20.74 10.99 -21.00
CA ALA B 240 -21.56 11.61 -19.95
C ALA B 240 -23.02 11.68 -20.40
N MET B 241 -23.24 12.09 -21.65
CA MET B 241 -24.59 12.22 -22.13
C MET B 241 -25.36 10.92 -22.22
N VAL B 242 -24.67 9.89 -22.70
CA VAL B 242 -25.29 8.59 -22.78
C VAL B 242 -25.68 8.09 -21.39
N ILE B 243 -24.77 8.27 -20.43
CA ILE B 243 -25.05 7.96 -19.01
C ILE B 243 -26.22 8.80 -18.51
N ARG B 244 -26.16 10.12 -18.68
CA ARG B 244 -27.24 11.00 -18.24
C ARG B 244 -28.59 10.60 -18.81
N GLU B 245 -28.62 10.26 -20.11
CA GLU B 245 -29.81 9.80 -20.83
C GLU B 245 -30.48 8.58 -20.19
N THR B 246 -29.66 7.63 -19.74
CA THR B 246 -30.07 6.34 -19.16
C THR B 246 -30.43 6.44 -17.67
N GLY B 247 -29.86 7.45 -17.01
CA GLY B 247 -29.97 7.62 -15.56
C GLY B 247 -28.90 6.77 -14.87
N SER B 248 -28.66 7.06 -13.60
CA SER B 248 -27.60 6.35 -12.92
C SER B 248 -28.05 5.10 -12.13
N SER B 249 -27.09 4.24 -11.76
CA SER B 249 -27.42 3.03 -11.00
C SER B 249 -27.62 3.30 -9.51
N LYS B 250 -28.31 2.39 -8.85
CA LYS B 250 -28.45 2.42 -7.41
C LYS B 250 -27.30 1.63 -6.77
N LEU B 251 -26.84 2.10 -5.60
CA LEU B 251 -25.86 1.39 -4.80
C LEU B 251 -26.39 0.01 -4.43
N LYS B 252 -25.56 -1.00 -4.60
CA LYS B 252 -25.93 -2.39 -4.32
C LYS B 252 -25.48 -2.89 -2.95
N HIS B 253 -26.18 -3.92 -2.46
CA HIS B 253 -25.68 -4.71 -1.35
C HIS B 253 -25.05 -5.95 -1.99
N PHE B 254 -23.97 -6.42 -1.35
CA PHE B 254 -23.30 -7.63 -1.76
C PHE B 254 -23.19 -8.52 -0.53
N ARG B 255 -23.65 -9.76 -0.67
CA ARG B 255 -23.53 -10.80 0.37
C ARG B 255 -22.09 -10.96 0.85
N GLY B 256 -21.92 -10.88 2.17
CA GLY B 256 -20.64 -11.13 2.82
C GLY B 256 -19.76 -9.91 2.93
N VAL B 257 -20.11 -8.87 2.16
CA VAL B 257 -19.42 -7.58 2.15
C VAL B 257 -20.09 -6.59 3.13
N ALA B 258 -19.29 -5.98 4.02
CA ALA B 258 -19.74 -4.91 4.91
C ALA B 258 -20.35 -3.76 4.11
N ASP B 259 -21.47 -3.21 4.58
CA ASP B 259 -22.15 -2.09 3.88
C ASP B 259 -21.29 -0.85 3.69
N GLU B 260 -20.39 -0.60 4.64
CA GLU B 260 -19.48 0.56 4.55
C GLU B 260 -18.42 0.36 3.46
N ASP B 261 -18.30 -0.88 2.95
CA ASP B 261 -17.37 -1.20 1.87
C ASP B 261 -18.05 -1.43 0.52
N ALA B 262 -19.39 -1.41 0.50
CA ALA B 262 -20.21 -1.78 -0.68
C ALA B 262 -19.97 -1.00 -1.96
N HIS B 263 -19.72 0.31 -1.84
CA HIS B 263 -19.44 1.18 -2.97
C HIS B 263 -18.08 0.86 -3.63
N ASN B 264 -17.18 0.21 -2.89
CA ASN B 264 -15.89 -0.24 -3.45
C ASN B 264 -15.97 -1.55 -4.25
N ILE B 265 -17.12 -2.18 -4.31
CA ILE B 265 -17.19 -3.43 -5.06
C ILE B 265 -17.44 -3.14 -6.53
N GLN B 266 -16.65 -3.75 -7.41
CA GLN B 266 -16.80 -3.58 -8.85
C GLN B 266 -18.14 -4.15 -9.36
N THR B 267 -18.84 -3.37 -10.18
CA THR B 267 -20.13 -3.77 -10.76
C THR B 267 -20.05 -3.85 -12.27
N HIS B 268 -21.06 -4.46 -12.88
CA HIS B 268 -21.11 -4.54 -14.32
C HIS B 268 -22.52 -4.22 -14.84
N ARG B 269 -22.58 -3.39 -15.87
CA ARG B 269 -23.81 -3.11 -16.60
C ARG B 269 -23.53 -3.28 -18.09
N ASP B 270 -24.53 -3.05 -18.93
CA ASP B 270 -24.34 -3.19 -20.38
C ASP B 270 -23.60 -1.98 -20.99
N SER B 271 -22.37 -1.74 -20.54
CA SER B 271 -21.59 -0.60 -21.03
C SER B 271 -21.27 -0.71 -22.55
N LEU B 272 -21.17 -1.94 -23.05
CA LEU B 272 -20.90 -2.17 -24.48
C LEU B 272 -21.97 -1.57 -25.41
N ASP B 273 -23.24 -1.82 -25.08
CA ASP B 273 -24.37 -1.12 -25.68
C ASP B 273 -24.18 0.40 -25.62
N LEU B 274 -23.83 0.92 -24.42
CA LEU B 274 -23.67 2.37 -24.20
C LEU B 274 -22.49 2.95 -24.98
N LEU B 275 -21.40 2.17 -25.08
CA LEU B 275 -20.21 2.58 -25.86
C LEU B 275 -20.46 2.88 -27.38
N ASP B 276 -21.54 2.26 -27.99
CA ASP B 276 -21.86 2.52 -29.40
C ASP B 276 -22.33 3.95 -29.63
N LYS B 277 -22.92 4.53 -28.59
CA LYS B 277 -23.37 5.94 -28.61
C LYS B 277 -22.56 6.77 -27.62
#